data_5UXF
#
_entry.id   5UXF
#
_cell.length_a   48.644
_cell.length_b   75.422
_cell.length_c   88.416
_cell.angle_alpha   90.000
_cell.angle_beta   90.000
_cell.angle_gamma   90.000
#
_symmetry.space_group_name_H-M   'P 21 21 21'
#
loop_
_entity.id
_entity.type
_entity.pdbx_description
1 polymer 'Dihydrodiol dehydrogenase'
2 non-polymer "(2R,3R,3aS,5R,7aR,9R,10R,10aS,12R,14aR)-2,9-bis(6-amino-9H-purin-9-yl)octahydro-2H,7H-difuro[3,2-d:3',2'-j][1,3,7,9,2,8 ]tetraoxadiphosphacyclododecine-3,5,10,12-tetrol 5,12-dioxide"
3 water water
#
_entity_poly.entity_id   1
_entity_poly.type   'polypeptide(L)'
_entity_poly.pdbx_seq_one_letter_code
;MGSDKIHHHHHHENLYFQGMSSKQHCVKLNDGHLIPALGFGTYKPKEVPKSKSLEAACLALDVGYRHVDTAYAYQVEEEI
GQAIQSAIAAGVVKREDLFVTTKLWCTCFRPELVKPALEKSLKKLQLDYVDLYIMHYPVPMKSGDNDFPVNEQGKSLLDT
VDFCDTWERLEECKDAGLVKSIGVSNFNHRQLERILNKPGLKYKPVCNQVECHLYLNQRKLLDYCESKDIVLVAYGALGT
QRYKEWVDQNSPVLLNDPVLCDVAKKNKRSPALIALRYLIQRGIVPLAQSFKENEMRENLQVFGFQLSPEDMKTLDGLNK
NFRYLPAEFLVDHPEYPFVEEY
;
_entity_poly.pdbx_strand_id   A
#
# COMPACT_ATOMS: atom_id res chain seq x y z
N PHE A 17 3.21 -7.72 23.67
CA PHE A 17 3.69 -8.25 22.39
C PHE A 17 4.69 -7.30 21.74
N GLN A 18 5.84 -7.85 21.36
CA GLN A 18 6.93 -7.05 20.80
C GLN A 18 6.50 -6.41 19.47
N GLY A 19 6.74 -5.11 19.36
CA GLY A 19 6.33 -4.38 18.17
C GLY A 19 7.24 -4.68 17.00
N MET A 20 6.64 -4.96 15.84
CA MET A 20 7.37 -5.22 14.61
C MET A 20 7.69 -3.88 13.95
N SER A 21 8.55 -3.13 14.63
CA SER A 21 8.96 -1.79 14.21
C SER A 21 10.09 -1.89 13.19
N SER A 22 10.52 -0.72 12.69
CA SER A 22 11.72 -0.67 11.87
C SER A 22 12.95 -1.14 12.64
N LYS A 23 12.91 -1.06 13.99
CA LYS A 23 14.00 -1.59 14.80
C LYS A 23 14.14 -3.10 14.65
N GLN A 24 13.07 -3.79 14.29
CA GLN A 24 13.07 -5.24 14.17
C GLN A 24 13.31 -5.70 12.73
N HIS A 25 12.42 -5.31 11.82
CA HIS A 25 12.54 -5.65 10.41
C HIS A 25 12.11 -4.43 9.61
N CYS A 26 13.07 -3.78 9.00
CA CYS A 26 12.80 -2.57 8.24
C CYS A 26 13.38 -2.69 6.85
N VAL A 27 12.94 -1.78 5.99
CA VAL A 27 13.52 -1.54 4.68
C VAL A 27 13.90 -0.07 4.62
N LYS A 28 15.10 0.22 4.12
CA LYS A 28 15.58 1.58 3.99
C LYS A 28 14.97 2.24 2.76
N LEU A 29 14.34 3.39 2.95
CA LEU A 29 13.79 4.18 1.85
C LEU A 29 14.85 5.11 1.28
N ASN A 30 14.63 5.58 0.05
CA ASN A 30 15.68 6.33 -0.62
C ASN A 30 15.80 7.77 -0.13
N ASP A 31 14.99 8.18 0.84
CA ASP A 31 15.15 9.47 1.48
C ASP A 31 15.73 9.36 2.89
N GLY A 32 16.20 8.17 3.26
CA GLY A 32 16.80 7.93 4.55
C GLY A 32 15.87 7.37 5.61
N HIS A 33 14.57 7.45 5.41
CA HIS A 33 13.64 6.93 6.40
C HIS A 33 13.53 5.40 6.28
N LEU A 34 12.99 4.79 7.33
CA LEU A 34 12.85 3.34 7.42
C LEU A 34 11.37 2.99 7.46
N ILE A 35 10.99 1.95 6.74
CA ILE A 35 9.61 1.45 6.73
C ILE A 35 9.60 0.03 7.29
N PRO A 36 8.71 -0.31 8.21
CA PRO A 36 8.64 -1.71 8.67
C PRO A 36 8.32 -2.65 7.52
N ALA A 37 9.01 -3.80 7.50
CA ALA A 37 8.98 -4.69 6.34
C ALA A 37 7.65 -5.40 6.12
N LEU A 38 6.76 -5.40 7.12
CA LEU A 38 5.40 -5.90 6.99
C LEU A 38 4.44 -4.84 7.49
N GLY A 39 3.43 -4.53 6.68
CA GLY A 39 2.42 -3.58 7.07
C GLY A 39 1.06 -4.21 7.30
N PHE A 40 0.19 -3.50 7.98
CA PHE A 40 -1.20 -3.88 8.18
C PHE A 40 -2.08 -3.05 7.24
N GLY A 41 -2.79 -3.73 6.33
CA GLY A 41 -3.69 -3.03 5.44
C GLY A 41 -5.04 -2.79 6.08
N THR A 42 -5.73 -1.76 5.60
CA THR A 42 -7.02 -1.38 6.17
C THR A 42 -8.09 -1.14 5.12
N TYR A 43 -7.92 -1.65 3.90
CA TYR A 43 -9.01 -1.60 2.93
C TYR A 43 -10.27 -2.24 3.54
N LYS A 44 -11.42 -1.56 3.38
CA LYS A 44 -12.65 -2.07 3.99
C LYS A 44 -13.65 -2.50 2.93
N PRO A 45 -13.99 -3.79 2.83
CA PRO A 45 -15.01 -4.22 1.88
C PRO A 45 -16.37 -3.64 2.24
N LYS A 46 -17.22 -3.53 1.23
CA LYS A 46 -18.58 -2.99 1.42
C LYS A 46 -19.31 -3.68 2.56
N GLU A 47 -19.20 -5.01 2.64
CA GLU A 47 -19.96 -5.81 3.58
C GLU A 47 -19.48 -5.70 5.02
N VAL A 48 -18.35 -5.03 5.26
CA VAL A 48 -17.74 -4.97 6.58
C VAL A 48 -18.07 -3.61 7.20
N PRO A 49 -18.68 -3.58 8.39
CA PRO A 49 -18.99 -2.28 9.02
C PRO A 49 -17.73 -1.60 9.54
N LYS A 50 -17.83 -0.27 9.67
CA LYS A 50 -16.67 0.51 10.10
C LYS A 50 -16.24 0.18 11.51
N SER A 51 -17.17 -0.29 12.35
CA SER A 51 -16.81 -0.74 13.69
C SER A 51 -15.82 -1.90 13.65
N LYS A 52 -15.91 -2.74 12.61
CA LYS A 52 -14.94 -3.82 12.48
C LYS A 52 -13.57 -3.30 12.05
N SER A 53 -13.53 -2.26 11.23
CA SER A 53 -12.25 -1.63 10.89
C SER A 53 -11.54 -1.11 12.14
N LEU A 54 -12.28 -0.43 13.01
CA LEU A 54 -11.72 0.06 14.27
C LEU A 54 -11.20 -1.09 15.13
N GLU A 55 -12.05 -2.12 15.32
CA GLU A 55 -11.66 -3.24 16.16
C GLU A 55 -10.39 -3.90 15.63
N ALA A 56 -10.35 -4.16 14.31
CA ALA A 56 -9.21 -4.84 13.72
C ALA A 56 -7.93 -4.03 13.84
N ALA A 57 -8.03 -2.70 13.66
CA ALA A 57 -6.85 -1.85 13.79
C ALA A 57 -6.33 -1.79 15.22
N CYS A 58 -7.24 -1.74 16.19
CA CYS A 58 -6.82 -1.81 17.59
C CYS A 58 -6.08 -3.11 17.87
N LEU A 59 -6.64 -4.24 17.42
CA LEU A 59 -6.01 -5.53 17.65
C LEU A 59 -4.66 -5.61 16.94
N ALA A 60 -4.57 -5.04 15.73
CA ALA A 60 -3.30 -5.10 15.01
C ALA A 60 -2.19 -4.41 15.77
N LEU A 61 -2.49 -3.24 16.33
CA LEU A 61 -1.50 -2.55 17.15
C LEU A 61 -1.18 -3.35 18.39
N ASP A 62 -2.20 -3.93 19.03
CA ASP A 62 -2.00 -4.71 20.24
C ASP A 62 -1.04 -5.87 20.01
N VAL A 63 -1.19 -6.58 18.88
CA VAL A 63 -0.42 -7.79 18.69
C VAL A 63 0.92 -7.54 18.00
N GLY A 64 1.20 -6.30 17.61
CA GLY A 64 2.55 -5.96 17.21
C GLY A 64 2.77 -5.25 15.89
N TYR A 65 1.71 -4.97 15.13
CA TYR A 65 1.92 -4.21 13.89
C TYR A 65 2.32 -2.79 14.21
N ARG A 66 3.24 -2.26 13.42
CA ARG A 66 3.67 -0.88 13.58
C ARG A 66 3.54 -0.06 12.31
N HIS A 67 3.43 -0.70 11.17
CA HIS A 67 3.22 -0.08 9.88
C HIS A 67 1.74 -0.25 9.57
N VAL A 68 1.00 0.86 9.52
CA VAL A 68 -0.43 0.85 9.26
C VAL A 68 -0.67 1.61 7.96
N ASP A 69 -1.31 0.96 6.99
CA ASP A 69 -1.55 1.54 5.68
C ASP A 69 -3.05 1.81 5.52
N THR A 70 -3.40 3.06 5.21
CA THR A 70 -4.81 3.39 4.99
C THR A 70 -4.91 4.35 3.81
N ALA A 71 -6.10 4.89 3.57
CA ALA A 71 -6.34 5.77 2.42
C ALA A 71 -7.58 6.61 2.71
N TYR A 72 -7.61 7.81 2.12
CA TYR A 72 -8.84 8.59 2.21
C TYR A 72 -10.02 7.82 1.63
N ALA A 73 -9.81 7.18 0.48
CA ALA A 73 -10.91 6.56 -0.25
C ALA A 73 -11.50 5.34 0.45
N TYR A 74 -10.82 4.78 1.46
CA TYR A 74 -11.37 3.65 2.19
C TYR A 74 -12.45 4.10 3.18
N GLN A 75 -12.50 5.40 3.49
CA GLN A 75 -13.49 6.01 4.38
C GLN A 75 -13.33 5.58 5.83
N VAL A 76 -12.16 5.09 6.24
CA VAL A 76 -11.97 4.66 7.61
C VAL A 76 -10.80 5.38 8.31
N GLU A 77 -10.33 6.50 7.74
CA GLU A 77 -9.26 7.23 8.41
C GLU A 77 -9.64 7.61 9.83
N GLU A 78 -10.91 7.97 10.07
CA GLU A 78 -11.34 8.31 11.43
C GLU A 78 -11.13 7.12 12.37
N GLU A 79 -11.56 5.93 11.95
CA GLU A 79 -11.43 4.74 12.78
C GLU A 79 -9.97 4.36 12.99
N ILE A 80 -9.14 4.46 11.95
CA ILE A 80 -7.73 4.15 12.11
C ILE A 80 -7.09 5.14 13.07
N GLY A 81 -7.45 6.42 12.98
CA GLY A 81 -6.91 7.39 13.91
C GLY A 81 -7.36 7.15 15.34
N GLN A 82 -8.60 6.68 15.52
CA GLN A 82 -9.07 6.35 16.87
C GLN A 82 -8.30 5.17 17.43
N ALA A 83 -8.02 4.16 16.59
CA ALA A 83 -7.25 3.01 17.06
C ALA A 83 -5.85 3.44 17.47
N ILE A 84 -5.22 4.30 16.67
CA ILE A 84 -3.87 4.76 17.00
C ILE A 84 -3.88 5.57 18.29
N GLN A 85 -4.84 6.50 18.43
CA GLN A 85 -4.89 7.32 19.63
C GLN A 85 -5.16 6.49 20.88
N SER A 86 -6.03 5.50 20.77
CA SER A 86 -6.30 4.67 21.94
C SER A 86 -5.13 3.78 22.29
N ALA A 87 -4.38 3.30 21.29
CA ALA A 87 -3.20 2.50 21.57
C ALA A 87 -2.12 3.32 22.25
N ILE A 88 -1.94 4.58 21.83
CA ILE A 88 -0.93 5.44 22.43
C ILE A 88 -1.31 5.75 23.87
N ALA A 89 -2.58 6.06 24.12
CA ALA A 89 -3.01 6.41 25.46
C ALA A 89 -2.87 5.23 26.41
N ALA A 90 -3.08 4.02 25.91
CA ALA A 90 -2.92 2.80 26.70
C ALA A 90 -1.47 2.41 26.90
N GLY A 91 -0.52 3.12 26.26
CA GLY A 91 0.87 2.80 26.38
C GLY A 91 1.35 1.65 25.52
N VAL A 92 0.52 1.21 24.57
CA VAL A 92 0.91 0.12 23.68
C VAL A 92 2.09 0.53 22.80
N VAL A 93 2.08 1.76 22.30
CA VAL A 93 3.05 2.23 21.33
C VAL A 93 3.18 3.73 21.49
N LYS A 94 4.32 4.27 21.06
CA LYS A 94 4.52 5.70 20.93
C LYS A 94 4.47 6.09 19.46
N ARG A 95 4.12 7.36 19.20
CA ARG A 95 3.92 7.81 17.83
C ARG A 95 5.16 7.57 16.97
N GLU A 96 6.34 7.86 17.51
CA GLU A 96 7.57 7.74 16.73
C GLU A 96 7.90 6.29 16.34
N ASP A 97 7.27 5.30 16.98
CA ASP A 97 7.50 3.91 16.64
C ASP A 97 6.46 3.36 15.68
N LEU A 98 5.50 4.18 15.26
CA LEU A 98 4.52 3.81 14.25
C LEU A 98 4.91 4.39 12.91
N PHE A 99 4.54 3.68 11.86
CA PHE A 99 4.68 4.14 10.48
C PHE A 99 3.28 4.16 9.86
N VAL A 100 2.74 5.35 9.61
CA VAL A 100 1.38 5.52 9.12
C VAL A 100 1.45 6.05 7.69
N THR A 101 0.78 5.34 6.78
CA THR A 101 0.62 5.74 5.39
C THR A 101 -0.83 6.11 5.13
N THR A 102 -1.05 7.22 4.42
CA THR A 102 -2.35 7.39 3.78
C THR A 102 -2.13 7.89 2.36
N LYS A 103 -3.24 8.10 1.64
CA LYS A 103 -3.19 8.28 0.19
C LYS A 103 -4.08 9.43 -0.26
N LEU A 104 -3.54 10.20 -1.20
CA LEU A 104 -4.26 11.26 -1.90
C LEU A 104 -5.15 10.66 -2.98
N TRP A 105 -6.45 10.99 -2.95
CA TRP A 105 -7.41 10.41 -3.88
C TRP A 105 -7.49 11.20 -5.17
N CYS A 106 -7.90 10.49 -6.25
CA CYS A 106 -7.99 11.02 -7.61
C CYS A 106 -8.69 12.37 -7.73
N THR A 107 -9.73 12.62 -6.91
CA THR A 107 -10.50 13.86 -7.03
C THR A 107 -9.77 15.06 -6.46
N CYS A 108 -8.58 14.88 -5.88
CA CYS A 108 -7.81 15.96 -5.27
C CYS A 108 -6.43 16.08 -5.86
N PHE A 109 -6.24 15.61 -7.09
CA PHE A 109 -4.95 15.70 -7.76
C PHE A 109 -4.66 17.09 -8.31
N ARG A 110 -5.67 17.94 -8.50
CA ARG A 110 -5.36 19.29 -8.94
C ARG A 110 -4.42 19.93 -7.93
N PRO A 111 -3.33 20.58 -8.38
CA PRO A 111 -2.31 21.06 -7.43
C PRO A 111 -2.88 21.84 -6.25
N GLU A 112 -3.86 22.73 -6.50
CA GLU A 112 -4.42 23.56 -5.44
C GLU A 112 -5.20 22.76 -4.40
N LEU A 113 -5.52 21.49 -4.68
CA LEU A 113 -6.31 20.67 -3.77
C LEU A 113 -5.46 19.71 -2.94
N VAL A 114 -4.17 19.58 -3.23
CA VAL A 114 -3.35 18.54 -2.62
C VAL A 114 -3.14 18.80 -1.13
N LYS A 115 -2.57 19.95 -0.78
CA LYS A 115 -2.30 20.20 0.63
C LYS A 115 -3.58 20.27 1.47
N PRO A 116 -4.68 20.90 1.02
CA PRO A 116 -5.90 20.83 1.83
C PRO A 116 -6.38 19.39 2.04
N ALA A 117 -6.25 18.52 1.04
CA ALA A 117 -6.67 17.14 1.21
C ALA A 117 -5.79 16.43 2.22
N LEU A 118 -4.49 16.69 2.19
CA LEU A 118 -3.59 16.10 3.19
C LEU A 118 -3.97 16.57 4.58
N GLU A 119 -4.18 17.88 4.76
CA GLU A 119 -4.54 18.38 6.08
C GLU A 119 -5.87 17.80 6.55
N LYS A 120 -6.81 17.59 5.64
CA LYS A 120 -8.07 16.94 6.00
C LYS A 120 -7.83 15.51 6.47
N SER A 121 -6.97 14.77 5.77
CA SER A 121 -6.64 13.42 6.21
C SER A 121 -5.98 13.44 7.58
N LEU A 122 -5.08 14.38 7.82
CA LEU A 122 -4.39 14.45 9.10
C LEU A 122 -5.36 14.75 10.24
N LYS A 123 -6.33 15.64 9.98
CA LYS A 123 -7.35 15.93 10.99
C LYS A 123 -8.18 14.70 11.30
N LYS A 124 -8.63 13.99 10.26
CA LYS A 124 -9.42 12.77 10.48
C LYS A 124 -8.61 11.72 11.23
N LEU A 125 -7.33 11.58 10.90
CA LEU A 125 -6.47 10.62 11.58
C LEU A 125 -6.03 11.07 12.96
N GLN A 126 -6.29 12.33 13.33
CA GLN A 126 -5.80 12.91 14.59
C GLN A 126 -4.28 12.82 14.68
N LEU A 127 -3.60 13.04 13.56
CA LEU A 127 -2.16 13.02 13.51
C LEU A 127 -1.65 14.39 13.07
N ASP A 128 -0.43 14.70 13.50
CA ASP A 128 0.23 15.93 13.07
C ASP A 128 1.05 15.73 11.81
N TYR A 129 1.44 14.49 11.51
CA TYR A 129 2.15 14.13 10.30
C TYR A 129 1.83 12.68 10.00
N VAL A 130 2.02 12.29 8.74
CA VAL A 130 2.06 10.88 8.38
C VAL A 130 3.48 10.53 7.93
N ASP A 131 3.82 9.26 8.07
CA ASP A 131 5.15 8.82 7.64
C ASP A 131 5.26 8.70 6.14
N LEU A 132 4.15 8.43 5.46
CA LEU A 132 4.18 8.24 4.02
C LEU A 132 2.86 8.72 3.45
N TYR A 133 2.93 9.50 2.37
CA TYR A 133 1.74 10.00 1.69
C TYR A 133 1.95 9.72 0.21
N ILE A 134 0.99 9.05 -0.42
CA ILE A 134 1.19 8.61 -1.79
C ILE A 134 -0.01 8.95 -2.66
N MET A 135 0.26 9.20 -3.94
CA MET A 135 -0.83 9.30 -4.92
C MET A 135 -1.47 7.94 -5.10
N HIS A 136 -2.79 7.88 -4.98
CA HIS A 136 -3.46 6.57 -5.01
C HIS A 136 -3.39 5.92 -6.39
N TYR A 137 -3.38 6.73 -7.44
CA TYR A 137 -3.36 6.30 -8.83
C TYR A 137 -2.66 7.39 -9.62
N PRO A 138 -2.29 7.12 -10.87
CA PRO A 138 -1.80 8.20 -11.74
C PRO A 138 -2.89 8.96 -12.49
N VAL A 139 -4.16 8.62 -12.28
CA VAL A 139 -5.28 9.14 -13.07
C VAL A 139 -6.12 10.06 -12.18
N PRO A 140 -6.36 11.31 -12.59
CA PRO A 140 -7.25 12.18 -11.82
C PRO A 140 -8.70 12.05 -12.24
N MET A 141 -9.59 12.35 -11.30
CA MET A 141 -11.01 12.43 -11.58
C MET A 141 -11.56 13.80 -11.22
N LYS A 142 -12.75 14.09 -11.72
CA LYS A 142 -13.39 15.39 -11.50
C LYS A 142 -13.44 15.73 -10.02
N SER A 143 -13.05 16.96 -9.67
CA SER A 143 -13.03 17.36 -8.28
C SER A 143 -14.44 17.50 -7.74
N GLY A 144 -14.59 17.21 -6.45
CA GLY A 144 -15.88 17.29 -5.80
C GLY A 144 -15.96 16.30 -4.66
N ASP A 145 -17.12 16.32 -3.99
CA ASP A 145 -17.30 15.48 -2.81
C ASP A 145 -17.44 14.01 -3.17
N ASN A 146 -18.05 13.70 -4.31
CA ASN A 146 -18.20 12.31 -4.74
C ASN A 146 -16.83 11.75 -5.12
N ASP A 147 -16.43 10.66 -4.45
CA ASP A 147 -15.15 10.03 -4.74
C ASP A 147 -15.14 9.31 -6.09
N PHE A 148 -16.32 8.96 -6.62
CA PHE A 148 -16.43 8.24 -7.88
C PHE A 148 -17.45 8.94 -8.78
N PRO A 149 -17.11 10.13 -9.29
CA PRO A 149 -18.08 10.86 -10.12
C PRO A 149 -18.30 10.17 -11.46
N VAL A 150 -19.57 10.15 -11.90
CA VAL A 150 -19.94 9.49 -13.14
C VAL A 150 -20.98 10.33 -13.87
N ASN A 151 -21.12 10.08 -15.18
CA ASN A 151 -22.16 10.70 -15.97
C ASN A 151 -23.41 9.82 -15.97
N GLU A 152 -24.42 10.24 -16.74
CA GLU A 152 -25.68 9.49 -16.78
C GLU A 152 -25.49 8.07 -17.28
N GLN A 153 -24.50 7.84 -18.17
CA GLN A 153 -24.22 6.50 -18.65
C GLN A 153 -23.34 5.68 -17.71
N GLY A 154 -22.97 6.23 -16.55
CA GLY A 154 -22.12 5.51 -15.64
C GLY A 154 -20.65 5.59 -15.92
N LYS A 155 -20.23 6.38 -16.91
CA LYS A 155 -18.81 6.55 -17.22
C LYS A 155 -18.19 7.54 -16.25
N SER A 156 -16.94 7.27 -15.87
CA SER A 156 -16.26 8.13 -14.91
C SER A 156 -16.04 9.52 -15.47
N LEU A 157 -16.20 10.52 -14.61
CA LEU A 157 -15.89 11.90 -14.97
C LEU A 157 -14.41 12.13 -14.64
N LEU A 158 -13.60 12.20 -15.68
CA LEU A 158 -12.16 12.28 -15.52
C LEU A 158 -11.72 13.73 -15.56
N ASP A 159 -10.42 13.94 -15.38
CA ASP A 159 -9.81 15.27 -15.44
C ASP A 159 -8.50 15.12 -16.20
N THR A 160 -7.88 16.25 -16.53
CA THR A 160 -6.55 16.27 -17.13
C THR A 160 -5.65 17.02 -16.16
N VAL A 161 -4.80 16.28 -15.45
CA VAL A 161 -3.86 16.83 -14.49
C VAL A 161 -2.59 15.98 -14.60
N ASP A 162 -1.51 16.59 -15.10
CA ASP A 162 -0.22 15.90 -15.13
C ASP A 162 0.16 15.47 -13.72
N PHE A 163 0.38 14.17 -13.52
CA PHE A 163 0.76 13.72 -12.19
C PHE A 163 2.11 14.29 -11.74
N CYS A 164 2.93 14.81 -12.67
CA CYS A 164 4.14 15.52 -12.25
C CYS A 164 3.80 16.85 -11.56
N ASP A 165 2.72 17.52 -12.01
CA ASP A 165 2.26 18.73 -11.31
C ASP A 165 1.75 18.38 -9.92
N THR A 166 0.99 17.29 -9.79
CA THR A 166 0.58 16.83 -8.47
C THR A 166 1.80 16.49 -7.62
N TRP A 167 2.79 15.82 -8.22
CA TRP A 167 3.98 15.41 -7.49
C TRP A 167 4.68 16.60 -6.84
N GLU A 168 4.78 17.72 -7.56
CA GLU A 168 5.43 18.91 -6.99
C GLU A 168 4.76 19.34 -5.70
N ARG A 169 3.43 19.19 -5.60
CA ARG A 169 2.77 19.57 -4.35
C ARG A 169 3.01 18.56 -3.24
N LEU A 170 3.15 17.28 -3.56
CA LEU A 170 3.57 16.34 -2.52
C LEU A 170 4.97 16.68 -2.02
N GLU A 171 5.86 17.12 -2.91
CA GLU A 171 7.18 17.59 -2.48
C GLU A 171 7.05 18.76 -1.50
N GLU A 172 6.15 19.70 -1.79
CA GLU A 172 5.94 20.82 -0.88
C GLU A 172 5.39 20.36 0.47
N CYS A 173 4.52 19.33 0.46
CA CYS A 173 4.00 18.82 1.72
C CYS A 173 5.10 18.19 2.57
N LYS A 174 6.06 17.51 1.93
CA LYS A 174 7.21 16.99 2.65
C LYS A 174 8.05 18.11 3.24
N ASP A 175 8.29 19.16 2.46
CA ASP A 175 9.09 20.28 2.95
C ASP A 175 8.38 21.04 4.06
N ALA A 176 7.06 20.98 4.11
CA ALA A 176 6.31 21.60 5.20
C ALA A 176 6.27 20.75 6.46
N GLY A 177 6.77 19.52 6.41
CA GLY A 177 6.78 18.65 7.57
C GLY A 177 5.48 17.90 7.84
N LEU A 178 4.52 17.96 6.92
CA LEU A 178 3.27 17.25 7.12
C LEU A 178 3.41 15.77 6.81
N VAL A 179 4.43 15.40 6.06
CA VAL A 179 4.67 14.01 5.68
C VAL A 179 6.18 13.79 5.67
N LYS A 180 6.61 12.63 6.16
CA LYS A 180 8.04 12.35 6.19
C LYS A 180 8.55 11.88 4.84
N SER A 181 7.78 11.04 4.15
CA SER A 181 8.18 10.47 2.87
C SER A 181 7.01 10.50 1.90
N ILE A 182 7.31 10.59 0.61
CA ILE A 182 6.26 10.61 -0.40
C ILE A 182 6.51 9.51 -1.44
N GLY A 183 5.42 9.02 -2.01
CA GLY A 183 5.50 7.97 -3.00
C GLY A 183 4.25 7.91 -3.84
N VAL A 184 4.10 6.79 -4.57
CA VAL A 184 2.98 6.64 -5.49
C VAL A 184 2.40 5.24 -5.37
N SER A 185 1.24 5.05 -5.99
CA SER A 185 0.56 3.77 -6.05
C SER A 185 0.00 3.57 -7.44
N ASN A 186 0.14 2.33 -7.95
CA ASN A 186 -0.45 1.93 -9.23
C ASN A 186 0.14 2.70 -10.41
N PHE A 187 1.41 3.09 -10.31
CA PHE A 187 2.13 3.65 -11.43
C PHE A 187 2.82 2.53 -12.21
N ASN A 188 2.91 2.73 -13.53
CA ASN A 188 3.68 1.80 -14.34
C ASN A 188 5.08 2.38 -14.60
N HIS A 189 5.88 1.61 -15.34
CA HIS A 189 7.28 1.97 -15.61
C HIS A 189 7.39 3.34 -16.27
N ARG A 190 6.62 3.59 -17.33
CA ARG A 190 6.68 4.86 -18.04
C ARG A 190 6.33 6.00 -17.09
N GLN A 191 5.37 5.77 -16.21
CA GLN A 191 4.92 6.84 -15.32
C GLN A 191 5.95 7.13 -14.25
N LEU A 192 6.57 6.09 -13.69
CA LEU A 192 7.67 6.32 -12.75
C LEU A 192 8.81 7.08 -13.41
N GLU A 193 9.14 6.73 -14.67
CA GLU A 193 10.20 7.44 -15.38
C GLU A 193 9.83 8.92 -15.58
N ARG A 194 8.54 9.22 -15.80
CA ARG A 194 8.15 10.63 -15.93
C ARG A 194 8.48 11.41 -14.65
N ILE A 195 8.22 10.82 -13.48
CA ILE A 195 8.58 11.51 -12.24
C ILE A 195 10.09 11.61 -12.12
N LEU A 196 10.80 10.50 -12.32
CA LEU A 196 12.24 10.49 -12.08
C LEU A 196 12.97 11.43 -13.03
N ASN A 197 12.42 11.64 -14.23
CA ASN A 197 13.05 12.48 -15.24
C ASN A 197 12.44 13.88 -15.29
N LYS A 198 11.58 14.24 -14.34
CA LYS A 198 10.92 15.53 -14.46
C LYS A 198 11.91 16.65 -14.16
N PRO A 199 11.88 17.74 -14.91
CA PRO A 199 12.78 18.86 -14.60
C PRO A 199 12.53 19.36 -13.18
N GLY A 200 13.64 19.64 -12.47
CA GLY A 200 13.53 20.21 -11.16
C GLY A 200 13.05 19.28 -10.06
N LEU A 201 13.07 17.97 -10.31
CA LEU A 201 12.68 17.00 -9.28
C LEU A 201 13.43 17.26 -7.98
N LYS A 202 12.68 17.31 -6.88
CA LYS A 202 13.25 17.46 -5.55
C LYS A 202 13.41 16.12 -4.85
N TYR A 203 12.36 15.29 -4.89
CA TYR A 203 12.36 14.03 -4.17
C TYR A 203 11.83 12.92 -5.06
N LYS A 204 12.58 11.83 -5.16
CA LYS A 204 12.07 10.64 -5.83
C LYS A 204 10.94 10.03 -5.01
N PRO A 205 10.02 9.31 -5.64
CA PRO A 205 9.09 8.49 -4.85
C PRO A 205 9.88 7.43 -4.09
N VAL A 206 9.51 7.21 -2.83
CA VAL A 206 10.16 6.16 -2.06
C VAL A 206 9.56 4.79 -2.33
N CYS A 207 8.35 4.75 -2.89
CA CYS A 207 7.66 3.48 -3.08
C CYS A 207 6.74 3.58 -4.28
N ASN A 208 6.37 2.42 -4.79
CA ASN A 208 5.25 2.24 -5.70
C ASN A 208 4.42 1.12 -5.11
N GLN A 209 3.25 1.45 -4.58
CA GLN A 209 2.38 0.46 -3.98
C GLN A 209 1.47 -0.11 -5.07
N VAL A 210 1.59 -1.41 -5.33
CA VAL A 210 0.87 -2.06 -6.41
C VAL A 210 0.26 -3.37 -5.92
N GLU A 211 -0.73 -3.87 -6.67
CA GLU A 211 -1.17 -5.25 -6.49
C GLU A 211 -0.01 -6.19 -6.79
N CYS A 212 0.27 -7.12 -5.89
CA CYS A 212 1.38 -8.04 -6.12
C CYS A 212 1.20 -9.29 -5.28
N HIS A 213 1.34 -10.45 -5.90
CA HIS A 213 1.09 -11.74 -5.25
C HIS A 213 1.60 -12.82 -6.19
N LEU A 214 1.46 -14.07 -5.77
CA LEU A 214 1.99 -15.19 -6.56
C LEU A 214 1.42 -15.26 -7.97
N TYR A 215 0.21 -14.75 -8.21
CA TYR A 215 -0.35 -14.81 -9.55
C TYR A 215 -0.11 -13.55 -10.36
N LEU A 216 0.50 -12.52 -9.76
CA LEU A 216 0.88 -11.26 -10.42
C LEU A 216 2.17 -10.82 -9.75
N ASN A 217 3.29 -11.48 -10.07
CA ASN A 217 4.45 -11.34 -9.21
C ASN A 217 5.32 -10.12 -9.55
N GLN A 218 4.97 -9.38 -10.59
CA GLN A 218 5.55 -8.06 -10.86
C GLN A 218 7.07 -8.09 -11.04
N ARG A 219 7.58 -9.19 -11.59
CA ARG A 219 9.04 -9.32 -11.74
C ARG A 219 9.64 -8.13 -12.51
N LYS A 220 8.99 -7.71 -13.61
CA LYS A 220 9.59 -6.65 -14.41
C LYS A 220 9.54 -5.31 -13.69
N LEU A 221 8.38 -4.98 -13.09
CA LEU A 221 8.28 -3.71 -12.38
C LEU A 221 9.18 -3.71 -11.14
N LEU A 222 9.28 -4.87 -10.45
CA LEU A 222 10.16 -4.96 -9.29
C LEU A 222 11.61 -4.73 -9.69
N ASP A 223 12.06 -5.33 -10.79
CA ASP A 223 13.41 -5.10 -11.28
C ASP A 223 13.65 -3.61 -11.48
N TYR A 224 12.73 -2.94 -12.18
CA TYR A 224 12.90 -1.51 -12.42
C TYR A 224 12.95 -0.73 -11.12
N CYS A 225 12.03 -1.02 -10.21
CA CYS A 225 12.01 -0.30 -8.94
C CYS A 225 13.30 -0.51 -8.18
N GLU A 226 13.80 -1.75 -8.14
CA GLU A 226 15.08 -2.02 -7.51
C GLU A 226 16.20 -1.20 -8.14
N SER A 227 16.20 -1.08 -9.47
CA SER A 227 17.26 -0.34 -10.15
C SER A 227 17.25 1.13 -9.77
N LYS A 228 16.13 1.65 -9.27
CA LYS A 228 15.98 3.05 -8.89
C LYS A 228 15.83 3.25 -7.38
N ASP A 229 16.06 2.20 -6.58
CA ASP A 229 15.91 2.28 -5.14
C ASP A 229 14.50 2.72 -4.74
N ILE A 230 13.50 2.22 -5.46
CA ILE A 230 12.10 2.43 -5.12
C ILE A 230 11.59 1.12 -4.54
N VAL A 231 10.95 1.19 -3.38
CA VAL A 231 10.42 -0.01 -2.74
C VAL A 231 9.07 -0.36 -3.34
N LEU A 232 8.88 -1.62 -3.68
CA LEU A 232 7.57 -2.09 -4.11
C LEU A 232 6.79 -2.54 -2.88
N VAL A 233 5.63 -1.91 -2.66
CA VAL A 233 4.73 -2.27 -1.57
C VAL A 233 3.53 -2.99 -2.17
N ALA A 234 3.18 -4.14 -1.61
CA ALA A 234 2.19 -5.03 -2.22
C ALA A 234 0.87 -4.97 -1.47
N TYR A 235 -0.20 -4.64 -2.18
CA TYR A 235 -1.54 -4.95 -1.68
C TYR A 235 -2.13 -6.11 -2.48
N GLY A 236 -3.24 -6.66 -1.97
CA GLY A 236 -3.75 -7.88 -2.55
C GLY A 236 -2.78 -9.04 -2.45
N ALA A 237 -1.96 -9.04 -1.39
CA ALA A 237 -0.82 -9.95 -1.30
C ALA A 237 -1.21 -11.41 -1.18
N LEU A 238 -2.46 -11.70 -0.80
CA LEU A 238 -2.96 -13.06 -0.71
C LEU A 238 -3.96 -13.38 -1.80
N GLY A 239 -4.01 -12.55 -2.84
CA GLY A 239 -4.92 -12.80 -3.96
C GLY A 239 -6.29 -12.20 -3.83
N THR A 240 -6.50 -11.28 -2.87
CA THR A 240 -7.78 -10.62 -2.61
C THR A 240 -8.90 -11.60 -2.27
N SER A 251 -12.69 -16.33 -11.18
CA SER A 251 -11.25 -16.09 -11.04
C SER A 251 -10.63 -17.09 -10.04
N PRO A 252 -9.41 -17.52 -10.32
CA PRO A 252 -8.77 -18.52 -9.44
C PRO A 252 -8.60 -18.00 -8.02
N VAL A 253 -8.62 -18.92 -7.06
CA VAL A 253 -8.45 -18.61 -5.65
C VAL A 253 -7.00 -18.94 -5.28
N LEU A 254 -6.17 -17.90 -5.12
CA LEU A 254 -4.75 -18.12 -4.91
C LEU A 254 -4.46 -19.01 -3.71
N LEU A 255 -5.15 -18.78 -2.58
CA LEU A 255 -4.84 -19.53 -1.37
C LEU A 255 -5.15 -21.02 -1.49
N ASN A 256 -5.91 -21.43 -2.51
CA ASN A 256 -6.20 -22.85 -2.73
C ASN A 256 -5.32 -23.48 -3.79
N ASP A 257 -4.29 -22.77 -4.25
CA ASP A 257 -3.46 -23.28 -5.31
C ASP A 257 -2.75 -24.56 -4.85
N PRO A 258 -2.78 -25.63 -5.64
CA PRO A 258 -2.19 -26.90 -5.17
C PRO A 258 -0.68 -26.85 -5.00
N VAL A 259 0.04 -26.09 -5.84
CA VAL A 259 1.48 -26.02 -5.68
C VAL A 259 1.83 -25.19 -4.44
N LEU A 260 1.16 -24.06 -4.25
CA LEU A 260 1.30 -23.29 -3.03
C LEU A 260 1.06 -24.15 -1.79
N CYS A 261 0.01 -24.97 -1.82
CA CYS A 261 -0.31 -25.73 -0.63
C CYS A 261 0.72 -26.84 -0.39
N ASP A 262 1.33 -27.37 -1.46
CA ASP A 262 2.42 -28.33 -1.29
C ASP A 262 3.66 -27.66 -0.67
N VAL A 263 4.02 -26.46 -1.14
CA VAL A 263 5.13 -25.76 -0.52
C VAL A 263 4.82 -25.47 0.94
N ALA A 264 3.57 -25.08 1.22
CA ALA A 264 3.15 -24.83 2.59
C ALA A 264 3.35 -26.07 3.47
N LYS A 265 2.86 -27.22 3.01
CA LYS A 265 3.01 -28.44 3.79
C LYS A 265 4.49 -28.78 4.00
N LYS A 266 5.30 -28.64 2.95
CA LYS A 266 6.73 -28.94 3.06
C LYS A 266 7.42 -28.09 4.13
N ASN A 267 7.01 -26.83 4.26
CA ASN A 267 7.62 -25.91 5.20
C ASN A 267 6.88 -25.83 6.52
N LYS A 268 5.81 -26.60 6.69
CA LYS A 268 4.99 -26.59 7.90
C LYS A 268 4.52 -25.18 8.24
N ARG A 269 4.01 -24.49 7.22
CA ARG A 269 3.42 -23.18 7.39
C ARG A 269 2.13 -23.11 6.57
N SER A 270 1.30 -22.13 6.86
CA SER A 270 0.06 -22.00 6.11
C SER A 270 0.31 -21.46 4.70
N PRO A 271 -0.59 -21.76 3.77
CA PRO A 271 -0.50 -21.12 2.43
C PRO A 271 -0.37 -19.60 2.49
N ALA A 272 -1.12 -18.94 3.36
CA ALA A 272 -1.02 -17.48 3.46
C ALA A 272 0.39 -17.05 3.85
N LEU A 273 1.01 -17.77 4.79
CA LEU A 273 2.35 -17.41 5.23
C LEU A 273 3.38 -17.67 4.13
N ILE A 274 3.22 -18.72 3.33
CA ILE A 274 4.11 -18.91 2.19
C ILE A 274 3.97 -17.75 1.20
N ALA A 275 2.73 -17.37 0.89
CA ALA A 275 2.49 -16.29 -0.06
C ALA A 275 3.09 -14.97 0.41
N LEU A 276 3.02 -14.70 1.72
CA LEU A 276 3.61 -13.48 2.24
C LEU A 276 5.13 -13.57 2.24
N ARG A 277 5.67 -14.73 2.64
CA ARG A 277 7.12 -14.88 2.69
C ARG A 277 7.75 -14.75 1.32
N TYR A 278 7.08 -15.29 0.29
CA TYR A 278 7.54 -15.12 -1.09
C TYR A 278 7.82 -13.66 -1.39
N LEU A 279 6.90 -12.78 -1.01
CA LEU A 279 7.06 -11.37 -1.28
C LEU A 279 8.19 -10.76 -0.45
N ILE A 280 8.23 -11.09 0.85
CA ILE A 280 9.27 -10.58 1.75
C ILE A 280 10.66 -10.93 1.23
N GLN A 281 10.85 -12.18 0.79
CA GLN A 281 12.17 -12.60 0.34
C GLN A 281 12.60 -11.93 -0.96
N ARG A 282 11.69 -11.38 -1.74
CA ARG A 282 12.00 -10.64 -2.95
C ARG A 282 12.18 -9.15 -2.69
N GLY A 283 12.18 -8.73 -1.43
CA GLY A 283 12.39 -7.34 -1.07
C GLY A 283 11.13 -6.50 -1.13
N ILE A 284 10.00 -7.12 -1.27
CA ILE A 284 8.71 -6.45 -1.35
C ILE A 284 8.19 -6.27 0.08
N VAL A 285 7.55 -5.12 0.34
CA VAL A 285 6.91 -4.85 1.62
C VAL A 285 5.43 -5.18 1.45
N PRO A 286 4.94 -6.31 1.95
CA PRO A 286 3.52 -6.62 1.80
C PRO A 286 2.68 -5.96 2.86
N LEU A 287 1.46 -5.64 2.46
CA LEU A 287 0.40 -5.22 3.39
C LEU A 287 -0.45 -6.45 3.66
N ALA A 288 -0.38 -6.96 4.87
CA ALA A 288 -1.20 -8.11 5.25
C ALA A 288 -2.44 -7.59 5.97
N GLN A 289 -3.60 -8.09 5.62
CA GLN A 289 -4.74 -7.70 6.42
C GLN A 289 -5.74 -8.83 6.61
N SER A 290 -6.32 -8.83 7.78
CA SER A 290 -7.44 -9.67 8.13
C SER A 290 -8.25 -8.92 9.17
N PHE A 291 -9.53 -9.25 9.26
CA PHE A 291 -10.34 -8.80 10.37
C PHE A 291 -10.40 -9.84 11.47
N LYS A 292 -9.71 -10.97 11.30
CA LYS A 292 -9.68 -12.04 12.28
C LYS A 292 -8.37 -11.99 13.07
N GLU A 293 -8.48 -11.90 14.39
CA GLU A 293 -7.30 -11.72 15.24
C GLU A 293 -6.29 -12.84 15.04
N ASN A 294 -6.76 -14.09 14.88
CA ASN A 294 -5.81 -15.19 14.75
C ASN A 294 -4.99 -15.05 13.48
N GLU A 295 -5.62 -14.59 12.39
CA GLU A 295 -4.89 -14.42 11.14
C GLU A 295 -3.90 -13.26 11.20
N MET A 296 -4.28 -12.15 11.86
CA MET A 296 -3.34 -11.06 12.13
C MET A 296 -2.07 -11.56 12.79
N ARG A 297 -2.24 -12.37 13.84
CA ARG A 297 -1.07 -12.84 14.56
C ARG A 297 -0.28 -13.85 13.75
N GLU A 298 -0.98 -14.72 12.99
CA GLU A 298 -0.26 -15.65 12.13
C GLU A 298 0.60 -14.92 11.13
N ASN A 299 0.09 -13.83 10.55
CA ASN A 299 0.83 -13.16 9.49
C ASN A 299 2.12 -12.55 10.03
N LEU A 300 2.15 -12.18 11.30
CA LEU A 300 3.38 -11.65 11.89
C LEU A 300 4.47 -12.69 12.03
N GLN A 301 4.16 -13.98 11.88
CA GLN A 301 5.17 -15.02 11.98
C GLN A 301 5.99 -15.17 10.70
N VAL A 302 5.77 -14.30 9.71
CA VAL A 302 6.42 -14.42 8.43
C VAL A 302 7.93 -14.28 8.52
N PHE A 303 8.45 -13.71 9.61
CA PHE A 303 9.90 -13.60 9.75
C PHE A 303 10.51 -14.80 10.46
N GLY A 304 9.70 -15.77 10.85
CA GLY A 304 10.19 -16.93 11.58
C GLY A 304 10.65 -18.11 10.75
N PHE A 305 10.61 -18.00 9.42
CA PHE A 305 11.05 -19.07 8.55
C PHE A 305 11.51 -18.44 7.26
N GLN A 306 12.22 -19.22 6.44
CA GLN A 306 12.54 -18.75 5.11
C GLN A 306 12.40 -19.89 4.12
N LEU A 307 12.22 -19.50 2.87
CA LEU A 307 12.02 -20.43 1.76
C LEU A 307 13.34 -20.71 1.07
N SER A 308 13.57 -21.98 0.75
CA SER A 308 14.76 -22.40 0.02
C SER A 308 14.75 -21.81 -1.39
N PRO A 309 15.92 -21.71 -2.03
CA PRO A 309 15.92 -21.26 -3.43
C PRO A 309 15.04 -22.12 -4.33
N GLU A 310 15.00 -23.43 -4.09
CA GLU A 310 14.15 -24.31 -4.89
C GLU A 310 12.68 -23.96 -4.72
N ASP A 311 12.26 -23.68 -3.48
CA ASP A 311 10.86 -23.35 -3.27
C ASP A 311 10.52 -21.99 -3.86
N MET A 312 11.46 -21.03 -3.79
CA MET A 312 11.22 -19.74 -4.44
C MET A 312 11.06 -19.90 -5.94
N LYS A 313 11.90 -20.74 -6.57
CA LYS A 313 11.75 -20.98 -8.00
C LYS A 313 10.42 -21.67 -8.32
N THR A 314 10.00 -22.61 -7.48
CA THR A 314 8.70 -23.23 -7.66
C THR A 314 7.57 -22.19 -7.59
N LEU A 315 7.65 -21.28 -6.63
CA LEU A 315 6.62 -20.25 -6.50
C LEU A 315 6.67 -19.24 -7.65
N ASP A 316 7.86 -18.91 -8.18
CA ASP A 316 7.95 -18.07 -9.37
C ASP A 316 7.10 -18.62 -10.50
N GLY A 317 7.01 -19.95 -10.60
CA GLY A 317 6.31 -20.58 -11.69
C GLY A 317 4.80 -20.49 -11.63
N LEU A 318 4.25 -19.95 -10.54
CA LEU A 318 2.80 -19.80 -10.44
C LEU A 318 2.28 -18.54 -11.12
N ASN A 319 3.16 -17.65 -11.56
CA ASN A 319 2.71 -16.37 -12.08
C ASN A 319 1.74 -16.55 -13.25
N LYS A 320 0.65 -15.80 -13.20
CA LYS A 320 -0.34 -15.77 -14.27
C LYS A 320 -0.47 -14.39 -14.90
N ASN A 321 0.23 -13.39 -14.38
CA ASN A 321 -0.04 -11.98 -14.68
C ASN A 321 -1.54 -11.70 -14.62
N PHE A 322 -2.17 -12.18 -13.54
CA PHE A 322 -3.60 -12.04 -13.33
C PHE A 322 -3.86 -10.92 -12.33
N ARG A 323 -4.60 -9.92 -12.77
CA ARG A 323 -4.89 -8.73 -11.99
C ARG A 323 -6.29 -8.85 -11.39
N TYR A 324 -6.38 -9.02 -10.08
CA TYR A 324 -7.68 -9.04 -9.41
C TYR A 324 -8.29 -7.66 -9.29
N LEU A 325 -7.48 -6.61 -9.34
CA LEU A 325 -7.92 -5.25 -9.03
C LEU A 325 -7.51 -4.31 -10.16
N PRO A 326 -8.18 -4.39 -11.32
CA PRO A 326 -7.75 -3.62 -12.50
C PRO A 326 -8.22 -2.18 -12.53
N ALA A 327 -8.95 -1.69 -11.52
CA ALA A 327 -9.37 -0.28 -11.47
C ALA A 327 -10.08 0.15 -12.75
N GLU A 328 -11.11 -0.62 -13.13
CA GLU A 328 -11.79 -0.39 -14.41
C GLU A 328 -12.42 0.99 -14.49
N PHE A 329 -12.77 1.58 -13.34
CA PHE A 329 -13.33 2.93 -13.34
C PHE A 329 -12.37 3.96 -13.91
N LEU A 330 -11.09 3.63 -14.08
CA LEU A 330 -10.12 4.57 -14.66
C LEU A 330 -9.76 4.26 -16.11
N VAL A 331 -10.38 3.25 -16.73
CA VAL A 331 -9.86 2.71 -17.99
C VAL A 331 -9.95 3.71 -19.14
N ASP A 332 -10.86 4.69 -19.09
CA ASP A 332 -10.99 5.61 -20.22
C ASP A 332 -9.89 6.64 -20.29
N HIS A 333 -9.11 6.80 -19.25
CA HIS A 333 -8.13 7.87 -19.21
C HIS A 333 -6.82 7.44 -19.89
N PRO A 334 -6.14 8.33 -20.62
CA PRO A 334 -4.87 7.95 -21.27
C PRO A 334 -3.80 7.46 -20.32
N GLU A 335 -3.83 7.85 -19.04
CA GLU A 335 -2.85 7.38 -18.09
C GLU A 335 -3.32 6.15 -17.30
N TYR A 336 -4.38 5.48 -17.72
CA TYR A 336 -4.74 4.20 -17.13
C TYR A 336 -3.50 3.31 -17.15
N PRO A 337 -3.04 2.82 -15.98
CA PRO A 337 -1.67 2.28 -15.91
C PRO A 337 -1.49 0.84 -16.37
N PHE A 338 -2.56 0.09 -16.65
CA PHE A 338 -2.43 -1.36 -16.79
C PHE A 338 -2.55 -1.86 -18.23
N VAL A 339 -2.50 -0.96 -19.23
CA VAL A 339 -2.42 -1.41 -20.61
C VAL A 339 -1.02 -1.93 -20.93
N GLU A 340 0.00 -1.22 -20.47
CA GLU A 340 1.36 -1.53 -20.84
C GLU A 340 1.85 -2.77 -20.10
N GLU A 341 2.88 -3.41 -20.67
CA GLU A 341 3.35 -4.67 -20.12
C GLU A 341 3.76 -4.51 -18.66
N TYR A 342 4.48 -3.45 -18.34
CA TYR A 342 4.76 -3.11 -16.95
C TYR A 342 5.01 -1.62 -16.84
#